data_2EXR
#
_entry.id   2EXR
#
_cell.length_a   45.858
_cell.length_b   114.502
_cell.length_c   190.920
_cell.angle_alpha   90.00
_cell.angle_beta   90.00
_cell.angle_gamma   90.00
#
_symmetry.space_group_name_H-M   'C 2 2 21'
#
loop_
_entity.id
_entity.type
_entity.pdbx_description
1 polymer 'Cytokinin dehydrogenase 7'
2 non-polymer 'FLAVIN-ADENINE DINUCLEOTIDE'
3 water water
#
_entity_poly.entity_id   1
_entity_poly.type   'polypeptide(L)'
_entity_poly.pdbx_seq_one_letter_code
;SIAYIEPYFLENDAEAASAATAAGKSTDGVSESLNIQGEILCGGAAADIAGRDFGG(MSE)NCVKPLAVVRPVGPEDIAG
AVKAALRSDKLTVAARGNGHSINGQA(MSE)AEGGLVVD(MSE)STTAENHFEVGYLSGGDATAFVDVSGGALWEDVLKR
CVSEYGLAPRSWTDYLGLTVGGTLSNAGVSGQAFRYGPQTSNVTELDVVTGNGDVVTCSEIENSELFFSVLGGLGQFGII
TRARVLLQPAPD(MSE)VRWIRVVYTEFDEFTQDAEWLVSQKNESSFDYVEGFVFVNGADPVNGWPTVPLHPDHEFDPTR
LPQSCGSVLYCLELGLHYRDSDSNSTIDKRVERLIGRLRFNEGLRFEVDLPYVDFLLRVKRSEEIAKENGTWETPHPWLN
LFVSKRDIGDFNRTVFKELVKNGVNGP(MSE)LVYPLLRSRWDDRTSVVIPEEGEIFYIVALLRFVPPCAKVSSVEK
(MSE)VAQNQEIVHWCVKNGIDYKLYLPHYKSQEEWIRHFGNRWSRFVDRKA(MSE)FDP(MSE)AILSPGQKIFNRSL
;
_entity_poly.pdbx_strand_id   A
#
loop_
_chem_comp.id
_chem_comp.type
_chem_comp.name
_chem_comp.formula
FAD non-polymer 'FLAVIN-ADENINE DINUCLEOTIDE' 'C27 H33 N9 O15 P2'
#
# COMPACT_ATOMS: atom_id res chain seq x y z
N LEU A 34 25.80 10.36 -21.27
CA LEU A 34 25.44 11.08 -20.01
C LEU A 34 26.53 10.90 -18.94
N ASN A 35 26.99 12.03 -18.39
CA ASN A 35 28.02 12.05 -17.35
C ASN A 35 27.40 12.08 -15.95
N ILE A 36 27.57 11.00 -15.19
CA ILE A 36 27.09 10.91 -13.81
C ILE A 36 28.13 10.29 -12.85
N GLN A 37 27.94 10.54 -11.55
CA GLN A 37 28.85 10.04 -10.53
C GLN A 37 28.63 8.57 -10.20
N GLY A 38 27.37 8.14 -10.21
CA GLY A 38 27.02 6.75 -9.95
C GLY A 38 27.36 5.84 -11.12
N GLU A 39 26.90 4.59 -11.04
CA GLU A 39 27.22 3.58 -12.05
C GLU A 39 26.10 3.43 -13.08
N ILE A 40 26.51 3.14 -14.32
CA ILE A 40 25.58 2.77 -15.37
CA ILE A 40 25.58 2.78 -15.39
C ILE A 40 25.86 1.33 -15.78
N LEU A 41 24.82 0.51 -15.77
CA LEU A 41 24.99 -0.91 -16.09
C LEU A 41 24.12 -1.29 -17.29
N CYS A 42 24.75 -1.86 -18.31
CA CYS A 42 24.02 -2.31 -19.50
C CYS A 42 23.98 -3.83 -19.51
N GLY A 43 22.78 -4.37 -19.70
CA GLY A 43 22.62 -5.83 -19.79
C GLY A 43 23.00 -6.57 -18.53
N GLY A 44 23.05 -7.90 -18.64
CA GLY A 44 23.49 -8.74 -17.52
C GLY A 44 22.44 -8.88 -16.43
N ALA A 45 22.90 -9.15 -15.22
CA ALA A 45 22.02 -9.38 -14.07
C ALA A 45 21.29 -8.10 -13.67
N ALA A 46 21.95 -6.96 -13.82
CA ALA A 46 21.35 -5.66 -13.51
C ALA A 46 20.08 -5.46 -14.33
N ALA A 47 20.18 -5.70 -15.65
CA ALA A 47 19.04 -5.56 -16.54
C ALA A 47 17.96 -6.59 -16.28
N ASP A 48 18.38 -7.81 -15.96
CA ASP A 48 17.47 -8.88 -15.61
C ASP A 48 16.58 -8.44 -14.45
N ILE A 49 17.20 -7.88 -13.41
CA ILE A 49 16.51 -7.43 -12.21
C ILE A 49 15.57 -6.24 -12.49
N ALA A 50 16.06 -5.25 -13.24
CA ALA A 50 15.24 -4.10 -13.61
C ALA A 50 14.10 -4.51 -14.53
N GLY A 51 14.16 -5.73 -15.06
CA GLY A 51 13.10 -6.26 -15.91
C GLY A 51 12.19 -7.23 -15.19
N ARG A 52 12.30 -7.25 -13.86
CA ARG A 52 11.47 -8.13 -13.04
C ARG A 52 10.77 -7.30 -11.96
N ASP A 53 9.60 -7.73 -11.56
CA ASP A 53 8.97 -7.17 -10.37
C ASP A 53 8.26 -8.25 -9.63
N PHE A 54 7.66 -7.90 -8.49
CA PHE A 54 7.00 -8.87 -7.63
C PHE A 54 5.81 -9.54 -8.33
N GLY A 55 5.16 -8.82 -9.26
CA GLY A 55 4.08 -9.43 -10.09
C GLY A 55 4.54 -10.72 -10.78
N GLY A 56 5.76 -10.67 -11.27
CA GLY A 56 6.35 -11.87 -11.88
C GLY A 56 5.73 -12.23 -13.22
N MSE A 57 5.11 -11.24 -13.86
CA MSE A 57 4.32 -11.46 -15.09
C MSE A 57 4.78 -10.64 -16.27
O MSE A 57 4.22 -10.75 -17.38
CB MSE A 57 2.85 -11.19 -14.83
CG MSE A 57 2.22 -12.20 -13.90
SE MSE A 57 0.44 -11.73 -13.52
CE MSE A 57 0.79 -10.01 -12.47
N ASN A 58 5.75 -9.77 -16.05
CA ASN A 58 6.24 -8.88 -17.07
C ASN A 58 7.73 -8.95 -17.04
N CYS A 59 8.32 -9.13 -18.21
CA CYS A 59 9.74 -9.08 -18.33
C CYS A 59 10.01 -8.12 -19.48
N VAL A 60 10.54 -6.95 -19.13
CA VAL A 60 10.76 -5.88 -20.07
C VAL A 60 12.11 -5.30 -19.72
N LYS A 61 13.07 -5.48 -20.63
CA LYS A 61 14.44 -5.12 -20.34
C LYS A 61 14.73 -3.67 -20.72
N PRO A 62 15.45 -2.96 -19.83
CA PRO A 62 15.91 -1.59 -20.11
C PRO A 62 17.21 -1.57 -20.94
N LEU A 63 17.52 -0.43 -21.55
CA LEU A 63 18.84 -0.21 -22.16
C LEU A 63 19.91 -0.21 -21.07
N ALA A 64 19.65 0.51 -19.98
CA ALA A 64 20.61 0.61 -18.90
C ALA A 64 19.93 0.75 -17.54
N VAL A 65 20.63 0.30 -16.49
CA VAL A 65 20.23 0.60 -15.12
C VAL A 65 21.16 1.69 -14.60
N VAL A 66 20.59 2.82 -14.18
CA VAL A 66 21.35 3.90 -13.56
C VAL A 66 21.32 3.69 -12.04
N ARG A 67 22.49 3.68 -11.41
CA ARG A 67 22.57 3.60 -9.96
C ARG A 67 23.09 4.94 -9.47
N PRO A 68 22.18 5.88 -9.16
CA PRO A 68 22.56 7.25 -8.88
C PRO A 68 23.11 7.42 -7.48
N VAL A 69 23.96 8.42 -7.31
CA VAL A 69 24.40 8.81 -5.97
CA VAL A 69 24.39 8.79 -5.97
C VAL A 69 23.36 9.73 -5.34
N GLY A 70 22.80 10.63 -6.16
CA GLY A 70 21.80 11.61 -5.70
C GLY A 70 20.96 12.26 -6.81
N PRO A 71 20.27 13.37 -6.48
CA PRO A 71 19.38 14.09 -7.43
C PRO A 71 20.00 14.54 -8.75
N GLU A 72 21.32 14.78 -8.74
CA GLU A 72 22.02 15.25 -9.93
CA GLU A 72 22.06 15.24 -9.91
C GLU A 72 22.16 14.14 -10.96
N ASP A 73 22.54 12.95 -10.50
CA ASP A 73 22.60 11.76 -11.35
C ASP A 73 21.23 11.48 -11.95
N ILE A 74 20.18 11.75 -11.19
CA ILE A 74 18.81 11.45 -11.63
C ILE A 74 18.34 12.47 -12.67
N ALA A 75 18.58 13.75 -12.43
CA ALA A 75 18.26 14.77 -13.41
C ALA A 75 19.08 14.58 -14.69
N GLY A 76 20.30 14.04 -14.55
CA GLY A 76 21.14 13.69 -15.72
C GLY A 76 20.47 12.62 -16.57
N ALA A 77 20.00 11.56 -15.92
CA ALA A 77 19.24 10.49 -16.58
C ALA A 77 18.02 11.05 -17.30
N VAL A 78 17.24 11.88 -16.62
CA VAL A 78 16.07 12.54 -17.20
C VAL A 78 16.44 13.38 -18.41
N LYS A 79 17.50 14.20 -18.26
CA LYS A 79 17.96 15.06 -19.37
C LYS A 79 18.49 14.25 -20.58
N ALA A 80 19.16 13.14 -20.32
CA ALA A 80 19.63 12.25 -21.38
C ALA A 80 18.44 11.73 -22.19
N ALA A 81 17.43 11.24 -21.48
CA ALA A 81 16.21 10.76 -22.11
C ALA A 81 15.47 11.84 -22.90
N LEU A 82 15.48 13.09 -22.40
CA LEU A 82 14.85 14.21 -23.11
C LEU A 82 15.56 14.56 -24.43
N ARG A 83 16.86 14.35 -24.49
CA ARG A 83 17.63 14.68 -25.70
C ARG A 83 17.42 13.63 -26.79
N SER A 84 17.19 12.38 -26.37
CA SER A 84 17.08 11.22 -27.26
C SER A 84 15.74 11.20 -27.98
N ASP A 85 15.62 10.30 -28.97
CA ASP A 85 14.36 10.16 -29.70
CA ASP A 85 14.38 10.14 -29.70
C ASP A 85 13.37 9.25 -28.98
N LYS A 86 13.86 8.24 -28.26
CA LYS A 86 12.99 7.21 -27.70
C LYS A 86 13.18 6.80 -26.23
N LEU A 87 14.24 7.27 -25.56
CA LEU A 87 14.49 6.81 -24.19
C LEU A 87 13.38 7.27 -23.23
N THR A 88 13.09 6.41 -22.25
CA THR A 88 12.18 6.73 -21.16
C THR A 88 12.93 6.45 -19.86
N VAL A 89 12.40 6.97 -18.75
CA VAL A 89 13.09 6.80 -17.47
C VAL A 89 12.07 6.24 -16.47
N ALA A 90 12.42 5.15 -15.78
CA ALA A 90 11.58 4.64 -14.66
C ALA A 90 12.36 4.49 -13.36
N ALA A 91 11.93 5.18 -12.32
CA ALA A 91 12.51 4.97 -11.01
C ALA A 91 12.05 3.62 -10.52
N ARG A 92 12.97 2.82 -9.98
CA ARG A 92 12.64 1.57 -9.32
CA ARG A 92 12.63 1.58 -9.32
C ARG A 92 12.85 1.69 -7.82
N GLY A 93 11.83 1.34 -7.06
CA GLY A 93 11.89 1.40 -5.60
C GLY A 93 12.48 0.15 -5.06
N ASN A 94 11.64 -0.83 -4.77
CA ASN A 94 12.11 -2.14 -4.36
C ASN A 94 11.49 -3.23 -5.22
N GLY A 95 10.99 -2.82 -6.39
CA GLY A 95 10.40 -3.76 -7.36
C GLY A 95 9.15 -4.48 -6.94
N HIS A 96 8.36 -3.83 -6.09
CA HIS A 96 7.13 -4.46 -5.58
C HIS A 96 5.89 -4.31 -6.46
N SER A 97 6.05 -3.65 -7.60
CA SER A 97 4.96 -3.50 -8.55
C SER A 97 4.47 -4.87 -9.04
N ILE A 98 3.20 -4.90 -9.43
CA ILE A 98 2.57 -6.13 -9.90
C ILE A 98 2.56 -6.21 -11.43
N ASN A 99 2.52 -5.07 -12.10
CA ASN A 99 2.18 -5.05 -13.54
C ASN A 99 3.18 -4.29 -14.40
N GLY A 100 4.44 -4.31 -14.01
CA GLY A 100 5.49 -3.67 -14.80
C GLY A 100 5.60 -2.17 -14.66
N GLN A 101 4.99 -1.58 -13.62
CA GLN A 101 4.93 -0.13 -13.48
C GLN A 101 6.29 0.56 -13.34
N ALA A 102 7.30 -0.19 -12.88
CA ALA A 102 8.64 0.39 -12.71
C ALA A 102 9.59 -0.01 -13.82
N MSE A 103 9.04 -0.57 -14.89
CA MSE A 103 9.90 -1.01 -16.03
C MSE A 103 9.98 0.04 -17.14
O MSE A 103 9.12 0.93 -17.26
CB MSE A 103 9.44 -2.36 -16.57
CG MSE A 103 9.59 -3.49 -15.59
SE MSE A 103 8.90 -5.15 -16.25
CE MSE A 103 8.84 -6.11 -14.60
N ALA A 104 11.04 -0.03 -17.94
CA ALA A 104 11.18 0.91 -19.05
C ALA A 104 11.80 0.21 -20.25
N GLU A 105 10.93 -0.24 -21.16
CA GLU A 105 11.36 -0.96 -22.37
C GLU A 105 12.38 -0.14 -23.15
N GLY A 106 13.60 -0.68 -23.28
CA GLY A 106 14.68 0.03 -23.95
C GLY A 106 15.00 1.41 -23.39
N GLY A 107 14.62 1.66 -22.15
CA GLY A 107 14.91 2.92 -21.47
C GLY A 107 15.93 2.82 -20.34
N LEU A 108 15.82 3.75 -19.38
CA LEU A 108 16.76 3.80 -18.26
C LEU A 108 15.99 3.56 -16.99
N VAL A 109 16.34 2.51 -16.28
CA VAL A 109 15.76 2.27 -14.95
C VAL A 109 16.72 2.76 -13.91
N VAL A 110 16.19 3.59 -13.00
CA VAL A 110 16.98 4.25 -11.98
C VAL A 110 16.73 3.47 -10.69
N ASP A 111 17.78 2.79 -10.23
CA ASP A 111 17.73 1.98 -9.03
C ASP A 111 17.86 2.90 -7.85
N MSE A 112 16.73 3.22 -7.24
CA MSE A 112 16.73 4.18 -6.14
C MSE A 112 17.40 3.72 -4.84
O MSE A 112 17.61 4.56 -3.95
CB MSE A 112 15.29 4.65 -5.86
CG MSE A 112 14.70 5.49 -7.00
SE MSE A 112 15.59 7.09 -7.48
CE MSE A 112 15.10 8.21 -5.83
N SER A 113 17.69 2.43 -4.71
CA SER A 113 18.22 1.90 -3.46
C SER A 113 19.58 2.50 -3.17
N THR A 114 20.26 2.99 -4.21
CA THR A 114 21.62 3.53 -4.04
C THR A 114 21.58 4.95 -3.49
N THR A 115 20.36 5.47 -3.26
CA THR A 115 20.17 6.76 -2.61
C THR A 115 19.55 6.60 -1.20
N ALA A 116 19.44 5.36 -0.73
CA ALA A 116 18.65 5.02 0.46
C ALA A 116 19.13 5.73 1.72
N GLU A 117 20.43 6.05 1.76
CA GLU A 117 20.99 6.66 2.97
C GLU A 117 21.26 8.14 2.87
N ASN A 118 20.77 8.79 1.82
CA ASN A 118 21.10 10.21 1.59
C ASN A 118 20.51 11.25 2.56
N HIS A 119 19.49 10.87 3.31
CA HIS A 119 18.84 11.81 4.19
C HIS A 119 18.43 11.10 5.46
N PHE A 120 18.70 11.78 6.57
CA PHE A 120 18.07 11.42 7.84
C PHE A 120 18.22 12.58 8.81
N GLU A 121 17.29 13.52 8.75
CA GLU A 121 17.29 14.65 9.66
C GLU A 121 15.94 14.84 10.34
N VAL A 122 15.95 14.82 11.68
CA VAL A 122 14.77 15.07 12.49
C VAL A 122 14.64 16.55 12.87
N GLY A 123 13.42 17.08 12.78
CA GLY A 123 13.05 18.42 13.20
C GLY A 123 11.72 18.41 13.95
N TYR A 124 11.49 19.39 14.83
CA TYR A 124 10.27 19.45 15.64
C TYR A 124 9.19 20.38 15.15
N LEU A 125 7.96 20.05 15.50
CA LEU A 125 6.82 20.84 15.08
CA LEU A 125 6.79 20.81 15.08
C LEU A 125 6.02 21.33 16.28
N SER A 126 5.88 22.64 16.36
CA SER A 126 5.14 23.28 17.43
C SER A 126 3.66 23.45 17.08
N GLY A 127 3.32 23.20 15.82
CA GLY A 127 1.96 23.44 15.33
C GLY A 127 0.95 22.44 15.85
N GLY A 128 1.26 21.80 16.97
CA GLY A 128 0.47 20.68 17.47
C GLY A 128 0.43 19.58 16.41
N ASP A 129 -0.52 18.67 16.58
CA ASP A 129 -0.66 17.49 15.72
C ASP A 129 0.56 16.55 15.79
N ALA A 130 1.39 16.52 14.75
CA ALA A 130 2.62 15.73 14.72
C ALA A 130 3.72 16.36 15.58
N THR A 131 4.44 15.52 16.32
CA THR A 131 5.57 15.93 17.20
C THR A 131 6.74 16.50 16.41
N ALA A 132 7.03 15.85 15.29
CA ALA A 132 8.28 16.03 14.62
C ALA A 132 8.14 15.55 13.18
N PHE A 133 9.23 15.60 12.44
CA PHE A 133 9.27 15.09 11.07
C PHE A 133 10.66 14.52 10.87
N VAL A 134 10.80 13.60 9.93
CA VAL A 134 12.14 13.18 9.54
C VAL A 134 12.27 13.34 8.02
N ASP A 135 13.41 13.87 7.56
CA ASP A 135 13.72 13.93 6.12
C ASP A 135 14.39 12.60 5.75
N VAL A 136 13.79 11.85 4.82
CA VAL A 136 14.36 10.57 4.39
C VAL A 136 14.43 10.54 2.86
N SER A 137 15.30 9.69 2.33
CA SER A 137 15.44 9.54 0.87
C SER A 137 14.16 8.91 0.28
N GLY A 138 13.80 9.32 -0.93
CA GLY A 138 12.77 8.58 -1.70
C GLY A 138 13.11 7.11 -1.88
N GLY A 139 14.41 6.75 -1.83
CA GLY A 139 14.81 5.38 -1.97
C GLY A 139 14.96 4.53 -0.72
N ALA A 140 14.73 5.12 0.46
CA ALA A 140 14.81 4.39 1.73
C ALA A 140 13.66 3.41 1.85
N LEU A 141 13.92 2.24 2.43
CA LEU A 141 12.85 1.31 2.77
C LEU A 141 12.20 1.71 4.09
N TRP A 142 10.88 1.70 4.12
CA TRP A 142 10.19 2.02 5.38
C TRP A 142 10.69 1.21 6.59
N GLU A 143 11.13 -0.02 6.38
CA GLU A 143 11.55 -0.86 7.51
C GLU A 143 12.77 -0.19 8.19
N ASP A 144 13.68 0.33 7.36
CA ASP A 144 14.87 1.04 7.84
C ASP A 144 14.58 2.41 8.46
N VAL A 145 13.63 3.13 7.87
CA VAL A 145 13.19 4.40 8.44
C VAL A 145 12.62 4.16 9.85
N LEU A 146 11.79 3.13 10.00
CA LEU A 146 11.17 2.78 11.27
C LEU A 146 12.26 2.51 12.33
N LYS A 147 13.19 1.62 12.00
CA LYS A 147 14.17 1.12 12.98
C LYS A 147 15.07 2.25 13.47
N ARG A 148 15.42 3.15 12.58
CA ARG A 148 16.32 4.25 12.93
C ARG A 148 15.62 5.36 13.74
N CYS A 149 14.40 5.71 13.34
CA CYS A 149 13.61 6.65 14.10
C CYS A 149 13.40 6.15 15.53
N VAL A 150 13.06 4.88 15.68
CA VAL A 150 12.72 4.34 17.00
C VAL A 150 14.00 4.24 17.87
N SER A 151 15.06 3.68 17.29
CA SER A 151 16.28 3.40 18.08
C SER A 151 17.00 4.71 18.45
N GLU A 152 17.01 5.66 17.54
CA GLU A 152 17.76 6.91 17.77
C GLU A 152 16.98 8.02 18.47
N TYR A 153 15.65 8.05 18.30
CA TYR A 153 14.83 9.19 18.73
C TYR A 153 13.59 8.81 19.57
N GLY A 154 13.21 7.53 19.56
CA GLY A 154 11.96 7.09 20.20
C GLY A 154 10.74 7.72 19.53
N LEU A 155 10.90 8.02 18.24
CA LEU A 155 9.81 8.57 17.41
C LEU A 155 9.58 7.62 16.26
N ALA A 156 8.42 7.75 15.63
CA ALA A 156 8.12 6.89 14.45
C ALA A 156 7.04 7.51 13.60
N PRO A 157 7.08 7.25 12.28
CA PRO A 157 5.92 7.63 11.48
C PRO A 157 4.61 7.07 12.05
N ARG A 158 3.48 7.67 11.67
CA ARG A 158 2.19 7.31 12.26
C ARG A 158 1.24 6.67 11.25
N SER A 159 1.68 6.59 10.00
CA SER A 159 0.85 5.97 8.96
C SER A 159 1.77 5.06 8.14
N TRP A 160 1.33 3.83 7.96
CA TRP A 160 2.18 2.73 7.47
C TRP A 160 1.58 2.01 6.24
N THR A 161 2.34 1.05 5.72
CA THR A 161 1.82 -0.01 4.88
C THR A 161 1.93 -1.30 5.73
N ASP A 162 1.24 -2.37 5.34
CA ASP A 162 1.33 -3.64 6.07
C ASP A 162 2.74 -4.20 5.94
N TYR A 163 3.33 -3.99 4.76
CA TYR A 163 4.61 -4.60 4.45
C TYR A 163 5.61 -3.48 4.33
N LEU A 164 6.71 -3.60 5.09
CA LEU A 164 7.62 -2.46 5.21
C LEU A 164 8.88 -2.51 4.29
N GLY A 165 8.99 -3.59 3.51
CA GLY A 165 10.03 -3.71 2.47
C GLY A 165 9.65 -2.98 1.19
N LEU A 166 9.22 -1.72 1.35
CA LEU A 166 8.79 -0.83 0.26
C LEU A 166 9.51 0.48 0.39
N THR A 167 9.70 1.21 -0.71
CA THR A 167 10.38 2.50 -0.58
C THR A 167 9.45 3.63 -0.25
N VAL A 168 10.01 4.69 0.32
CA VAL A 168 9.29 5.93 0.59
C VAL A 168 8.69 6.54 -0.70
N GLY A 169 9.49 6.65 -1.74
CA GLY A 169 9.06 7.30 -2.98
C GLY A 169 8.01 6.42 -3.65
N GLY A 170 8.20 5.10 -3.52
CA GLY A 170 7.30 4.07 -4.10
C GLY A 170 5.89 4.15 -3.52
N THR A 171 5.78 4.09 -2.20
CA THR A 171 4.44 4.22 -1.59
C THR A 171 3.83 5.61 -1.73
N LEU A 172 4.63 6.69 -1.62
CA LEU A 172 4.11 8.05 -1.75
C LEU A 172 3.62 8.32 -3.17
N SER A 173 4.12 7.53 -4.13
CA SER A 173 3.62 7.61 -5.51
C SER A 173 2.27 6.88 -5.69
N ASN A 174 1.80 6.21 -4.65
CA ASN A 174 0.54 5.49 -4.71
C ASN A 174 -0.43 6.00 -3.66
N ALA A 175 -0.19 5.64 -2.39
CA ALA A 175 -0.93 6.26 -1.26
C ALA A 175 -0.19 5.81 -0.01
N GLY A 176 -0.02 4.50 0.14
CA GLY A 176 0.60 3.90 1.35
C GLY A 176 -0.50 3.68 2.38
N VAL A 177 -1.12 2.51 2.38
CA VAL A 177 -2.31 2.24 3.20
C VAL A 177 -2.12 1.11 4.17
N SER A 178 -2.54 1.33 5.43
CA SER A 178 -2.59 0.26 6.41
C SER A 178 -3.65 0.61 7.47
N GLY A 179 -3.58 -0.08 8.59
CA GLY A 179 -4.60 0.02 9.62
C GLY A 179 -4.64 1.33 10.40
N GLN A 180 -3.72 2.25 10.12
CA GLN A 180 -3.73 3.60 10.76
C GLN A 180 -4.44 4.63 9.91
N ALA A 181 -4.72 4.30 8.64
CA ALA A 181 -5.18 5.32 7.71
C ALA A 181 -6.53 5.90 8.09
N PHE A 182 -7.37 5.12 8.79
CA PHE A 182 -8.68 5.65 9.16
C PHE A 182 -8.51 6.86 10.08
N ARG A 183 -7.38 6.88 10.79
CA ARG A 183 -7.11 7.93 11.79
CA ARG A 183 -7.11 7.91 11.81
C ARG A 183 -6.25 9.06 11.24
N TYR A 184 -5.15 8.74 10.59
CA TYR A 184 -4.23 9.78 10.07
C TYR A 184 -4.18 9.93 8.54
N GLY A 185 -4.99 9.18 7.82
CA GLY A 185 -4.86 9.16 6.36
C GLY A 185 -3.71 8.25 5.97
N PRO A 186 -3.57 7.99 4.67
CA PRO A 186 -2.50 7.16 4.10
C PRO A 186 -1.18 7.92 4.17
N GLN A 187 -0.09 7.28 3.73
CA GLN A 187 1.19 7.97 3.84
C GLN A 187 1.27 9.28 3.06
N THR A 188 0.54 9.41 1.97
CA THR A 188 0.51 10.70 1.24
C THR A 188 -0.17 11.84 2.06
N SER A 189 -0.86 11.51 3.15
CA SER A 189 -1.40 12.54 4.07
C SER A 189 -0.47 12.92 5.21
N ASN A 190 0.72 12.32 5.21
CA ASN A 190 1.64 12.44 6.35
C ASN A 190 3.03 12.79 5.87
N VAL A 191 3.07 13.67 4.88
CA VAL A 191 4.32 14.20 4.36
CA VAL A 191 4.32 14.22 4.33
C VAL A 191 4.10 15.69 4.09
N THR A 192 5.11 16.51 4.39
CA THR A 192 4.88 17.95 4.31
C THR A 192 5.78 18.64 3.29
N GLU A 193 6.77 17.92 2.77
CA GLU A 193 7.69 18.47 1.78
C GLU A 193 8.37 17.36 1.00
N LEU A 194 8.69 17.64 -0.27
CA LEU A 194 9.40 16.71 -1.14
C LEU A 194 10.48 17.45 -1.92
N ASP A 195 11.58 16.77 -2.20
CA ASP A 195 12.43 17.14 -3.33
C ASP A 195 12.07 16.20 -4.47
N VAL A 196 11.90 16.79 -5.65
CA VAL A 196 11.47 16.06 -6.85
C VAL A 196 12.38 16.39 -8.03
N VAL A 197 12.77 15.37 -8.79
CA VAL A 197 13.39 15.58 -10.12
C VAL A 197 12.27 15.42 -11.14
N THR A 198 11.89 16.51 -11.79
CA THR A 198 10.74 16.56 -12.67
CA THR A 198 10.70 16.50 -12.67
C THR A 198 11.06 15.94 -14.05
N GLY A 199 10.04 15.66 -14.84
CA GLY A 199 10.21 15.16 -16.21
C GLY A 199 10.76 16.23 -17.14
N ASN A 200 10.91 17.46 -16.64
CA ASN A 200 11.64 18.52 -17.37
C ASN A 200 13.13 18.48 -17.02
N GLY A 201 13.47 17.73 -15.97
CA GLY A 201 14.85 17.59 -15.53
C GLY A 201 15.22 18.60 -14.45
N ASP A 202 14.22 19.31 -13.92
CA ASP A 202 14.42 20.30 -12.85
C ASP A 202 14.41 19.66 -11.47
N VAL A 203 15.33 20.09 -10.59
CA VAL A 203 15.31 19.66 -9.19
C VAL A 203 14.56 20.73 -8.41
N VAL A 204 13.46 20.33 -7.77
CA VAL A 204 12.48 21.25 -7.20
C VAL A 204 12.09 20.81 -5.78
N THR A 205 12.01 21.76 -4.86
CA THR A 205 11.49 21.43 -3.54
C THR A 205 10.07 21.93 -3.57
N CYS A 206 9.14 21.12 -3.05
CA CYS A 206 7.74 21.49 -3.07
C CYS A 206 7.02 21.09 -1.78
N SER A 207 5.88 21.73 -1.53
CA SER A 207 5.07 21.58 -0.34
C SER A 207 3.73 22.29 -0.55
N GLU A 208 2.90 22.33 0.49
CA GLU A 208 1.61 22.99 0.38
C GLU A 208 1.80 24.47 0.06
N ILE A 209 2.97 25.00 0.39
CA ILE A 209 3.25 26.43 0.19
C ILE A 209 4.20 26.74 -0.97
N GLU A 210 5.14 25.84 -1.26
CA GLU A 210 6.13 26.05 -2.32
C GLU A 210 5.86 25.08 -3.47
N ASN A 211 5.74 25.59 -4.69
CA ASN A 211 5.47 24.73 -5.85
C ASN A 211 4.37 23.70 -5.55
N SER A 212 3.24 24.17 -5.02
CA SER A 212 2.20 23.28 -4.51
C SER A 212 1.59 22.36 -5.57
N GLU A 213 1.46 22.86 -6.80
CA GLU A 213 0.92 22.04 -7.88
C GLU A 213 1.78 20.77 -8.06
N LEU A 214 3.10 20.91 -7.98
CA LEU A 214 3.96 19.75 -8.16
C LEU A 214 3.82 18.78 -6.98
N PHE A 215 3.81 19.36 -5.78
CA PHE A 215 3.62 18.62 -4.52
C PHE A 215 2.37 17.74 -4.59
N PHE A 216 1.22 18.34 -4.86
CA PHE A 216 -0.03 17.59 -4.90
C PHE A 216 -0.09 16.63 -6.09
N SER A 217 0.58 16.98 -7.18
CA SER A 217 0.62 16.09 -8.38
C SER A 217 1.38 14.81 -8.07
N VAL A 218 2.58 14.96 -7.52
CA VAL A 218 3.46 13.84 -7.23
C VAL A 218 2.84 12.87 -6.21
N LEU A 219 2.16 13.39 -5.20
CA LEU A 219 1.51 12.50 -4.22
C LEU A 219 0.38 11.69 -4.87
N GLY A 220 0.59 10.38 -4.90
CA GLY A 220 -0.34 9.45 -5.51
C GLY A 220 -0.23 9.50 -7.03
N GLY A 221 0.78 10.21 -7.54
CA GLY A 221 0.87 10.47 -8.98
C GLY A 221 1.47 9.41 -9.87
N LEU A 222 1.68 8.21 -9.34
CA LEU A 222 2.15 7.05 -10.15
C LEU A 222 3.44 7.36 -10.95
N GLY A 223 4.32 8.17 -10.37
CA GLY A 223 5.62 8.43 -10.99
C GLY A 223 5.54 9.32 -12.23
N GLN A 224 4.37 9.89 -12.50
CA GLN A 224 4.10 10.57 -13.78
C GLN A 224 4.71 11.96 -13.91
N PHE A 225 5.06 12.59 -12.78
CA PHE A 225 5.40 14.01 -12.78
C PHE A 225 6.81 14.30 -12.27
N GLY A 226 7.43 13.28 -11.69
CA GLY A 226 8.78 13.44 -11.22
C GLY A 226 9.16 12.35 -10.26
N ILE A 227 10.47 12.27 -10.00
CA ILE A 227 11.04 11.30 -9.08
C ILE A 227 11.26 11.93 -7.70
N ILE A 228 10.67 11.32 -6.69
CA ILE A 228 10.84 11.79 -5.31
C ILE A 228 12.20 11.36 -4.79
N THR A 229 13.02 12.35 -4.44
CA THR A 229 14.37 12.09 -3.94
C THR A 229 14.46 12.26 -2.43
N ARG A 230 13.57 13.09 -1.87
CA ARG A 230 13.47 13.24 -0.42
CA ARG A 230 13.48 13.31 -0.42
C ARG A 230 12.04 13.55 -0.02
N ALA A 231 11.64 13.02 1.13
CA ALA A 231 10.33 13.26 1.70
C ALA A 231 10.50 13.64 3.16
N ARG A 232 9.73 14.63 3.59
CA ARG A 232 9.66 15.03 4.99
C ARG A 232 8.45 14.36 5.61
N VAL A 233 8.71 13.29 6.35
CA VAL A 233 7.67 12.39 6.85
C VAL A 233 7.35 12.73 8.30
N LEU A 234 6.06 12.79 8.63
CA LEU A 234 5.62 13.18 10.00
C LEU A 234 5.93 12.09 11.01
N LEU A 235 6.20 12.52 12.26
CA LEU A 235 6.55 11.60 13.35
C LEU A 235 5.69 11.88 14.56
N GLN A 236 5.49 10.84 15.34
CA GLN A 236 4.86 10.93 16.65
C GLN A 236 5.71 10.13 17.63
N PRO A 237 5.48 10.30 18.95
CA PRO A 237 6.24 9.44 19.85
C PRO A 237 5.93 7.93 19.56
N ALA A 238 6.98 7.11 19.53
CA ALA A 238 6.79 5.67 19.28
C ALA A 238 6.17 4.98 20.49
N PRO A 239 5.04 4.27 20.29
CA PRO A 239 4.54 3.42 21.38
C PRO A 239 5.54 2.36 21.77
N ASP A 240 5.47 1.89 23.01
CA ASP A 240 6.27 0.73 23.40
C ASP A 240 5.70 -0.60 22.94
N MSE A 241 4.40 -0.78 23.11
CA MSE A 241 3.78 -2.09 22.95
C MSE A 241 2.49 -1.97 22.16
O MSE A 241 1.91 -0.90 22.09
CB MSE A 241 3.42 -2.66 24.34
CG MSE A 241 4.63 -2.93 25.22
SE MSE A 241 5.67 -4.43 24.60
CE MSE A 241 4.49 -5.87 25.05
N VAL A 242 2.09 -3.09 21.58
CA VAL A 242 0.79 -3.23 20.92
C VAL A 242 0.07 -4.47 21.45
N ARG A 243 -1.20 -4.31 21.84
CA ARG A 243 -2.09 -5.48 22.02
C ARG A 243 -2.74 -5.71 20.64
N TRP A 244 -2.43 -6.84 20.04
CA TRP A 244 -2.88 -7.20 18.70
C TRP A 244 -4.03 -8.22 18.89
N ILE A 245 -5.22 -7.89 18.38
CA ILE A 245 -6.42 -8.70 18.58
C ILE A 245 -7.04 -9.13 17.25
N ARG A 246 -7.50 -10.38 17.19
CA ARG A 246 -8.29 -10.83 16.05
C ARG A 246 -9.58 -11.46 16.58
N VAL A 247 -10.72 -11.03 16.06
CA VAL A 247 -12.00 -11.62 16.45
C VAL A 247 -12.76 -11.96 15.17
N VAL A 248 -13.62 -12.97 15.25
CA VAL A 248 -14.25 -13.57 14.07
C VAL A 248 -15.76 -13.27 14.03
N TYR A 249 -16.24 -12.90 12.84
CA TYR A 249 -17.67 -12.72 12.54
C TYR A 249 -18.09 -13.69 11.44
N THR A 250 -19.33 -14.19 11.55
CA THR A 250 -19.90 -14.99 10.47
C THR A 250 -20.78 -14.13 9.57
N GLU A 251 -21.28 -13.01 10.09
CA GLU A 251 -22.20 -12.13 9.38
C GLU A 251 -21.50 -10.90 8.84
N PHE A 252 -21.47 -10.73 7.52
CA PHE A 252 -20.78 -9.58 6.94
C PHE A 252 -21.40 -8.27 7.35
N ASP A 253 -22.72 -8.21 7.47
CA ASP A 253 -23.42 -7.00 7.92
CA ASP A 253 -23.33 -6.95 7.87
C ASP A 253 -22.91 -6.55 9.29
N GLU A 254 -22.77 -7.49 10.20
CA GLU A 254 -22.35 -7.17 11.58
C GLU A 254 -20.88 -6.81 11.64
N PHE A 255 -20.08 -7.54 10.88
CA PHE A 255 -18.65 -7.24 10.70
C PHE A 255 -18.45 -5.81 10.25
N THR A 256 -19.14 -5.41 9.17
CA THR A 256 -18.93 -4.09 8.59
C THR A 256 -19.54 -3.01 9.47
N GLN A 257 -20.70 -3.29 10.07
CA GLN A 257 -21.29 -2.29 11.00
C GLN A 257 -20.32 -2.00 12.16
N ASP A 258 -19.77 -3.07 12.74
CA ASP A 258 -18.86 -2.96 13.88
C ASP A 258 -17.56 -2.24 13.47
N ALA A 259 -17.00 -2.59 12.31
CA ALA A 259 -15.77 -1.95 11.84
C ALA A 259 -15.96 -0.47 11.56
N GLU A 260 -17.08 -0.13 10.93
CA GLU A 260 -17.39 1.27 10.61
C GLU A 260 -17.60 2.10 11.88
N TRP A 261 -18.22 1.47 12.88
CA TRP A 261 -18.45 2.11 14.15
C TRP A 261 -17.10 2.40 14.79
N LEU A 262 -16.18 1.42 14.74
CA LEU A 262 -14.91 1.57 15.40
C LEU A 262 -14.07 2.67 14.77
N VAL A 263 -14.02 2.74 13.43
CA VAL A 263 -13.23 3.79 12.76
C VAL A 263 -13.85 5.18 12.83
N SER A 264 -15.11 5.22 13.24
CA SER A 264 -15.84 6.48 13.39
C SER A 264 -15.76 7.08 14.80
N GLN A 265 -15.14 6.36 15.73
CA GLN A 265 -15.08 6.82 17.13
C GLN A 265 -14.15 8.02 17.26
N LYS A 266 -14.41 8.86 18.25
CA LYS A 266 -13.61 10.06 18.49
C LYS A 266 -12.15 9.73 18.67
N ASN A 267 -11.31 10.63 18.15
CA ASN A 267 -9.87 10.43 18.19
C ASN A 267 -9.40 10.00 19.57
N GLU A 268 -8.59 8.95 19.57
CA GLU A 268 -7.97 8.36 20.74
C GLU A 268 -8.96 7.76 21.77
N SER A 269 -10.22 7.56 21.37
CA SER A 269 -11.20 6.88 22.23
C SER A 269 -11.32 5.37 21.91
N SER A 270 -10.72 4.95 20.81
CA SER A 270 -10.84 3.59 20.28
CA SER A 270 -10.81 3.53 20.42
C SER A 270 -9.44 3.03 20.00
N PHE A 271 -9.39 2.17 18.99
CA PHE A 271 -8.14 1.50 18.69
C PHE A 271 -7.21 2.36 17.84
N ASP A 272 -5.95 1.91 17.73
CA ASP A 272 -4.93 2.62 16.96
C ASP A 272 -4.62 1.95 15.63
N TYR A 273 -5.32 0.84 15.36
CA TYR A 273 -5.14 0.10 14.10
C TYR A 273 -6.43 -0.72 13.95
N VAL A 274 -7.02 -0.62 12.76
CA VAL A 274 -8.21 -1.44 12.41
C VAL A 274 -8.03 -1.94 10.97
N GLU A 275 -8.02 -3.25 10.84
CA GLU A 275 -8.07 -3.91 9.54
C GLU A 275 -9.08 -5.04 9.59
N GLY A 276 -9.26 -5.69 8.45
CA GLY A 276 -10.13 -6.86 8.42
C GLY A 276 -9.73 -7.76 7.28
N PHE A 277 -10.17 -9.01 7.34
CA PHE A 277 -9.89 -9.93 6.24
C PHE A 277 -10.92 -11.02 6.14
N VAL A 278 -11.02 -11.62 4.95
CA VAL A 278 -11.94 -12.72 4.72
C VAL A 278 -11.10 -14.00 4.76
N PHE A 279 -11.62 -15.02 5.40
CA PHE A 279 -10.96 -16.33 5.36
C PHE A 279 -11.94 -17.46 5.07
N VAL A 280 -11.41 -18.55 4.50
CA VAL A 280 -12.25 -19.68 4.16
C VAL A 280 -12.70 -20.43 5.39
N ASN A 281 -13.96 -20.85 5.37
CA ASN A 281 -14.52 -21.65 6.44
C ASN A 281 -14.14 -23.13 6.26
N GLY A 282 -12.92 -23.47 6.69
CA GLY A 282 -12.36 -24.79 6.52
C GLY A 282 -10.94 -24.79 7.00
N ALA A 283 -10.31 -25.97 7.01
CA ALA A 283 -8.99 -26.12 7.60
C ALA A 283 -7.80 -25.86 6.70
N ASP A 284 -8.03 -25.50 5.44
CA ASP A 284 -6.97 -25.15 4.50
C ASP A 284 -5.95 -24.29 5.27
N PRO A 285 -4.71 -24.80 5.46
CA PRO A 285 -3.70 -24.03 6.23
C PRO A 285 -3.27 -22.72 5.58
N VAL A 286 -3.54 -22.55 4.31
CA VAL A 286 -3.15 -21.35 3.62
C VAL A 286 -4.31 -20.34 3.47
N ASN A 287 -5.53 -20.86 3.40
CA ASN A 287 -6.73 -20.05 3.11
C ASN A 287 -7.75 -20.00 4.22
N GLY A 288 -7.71 -20.98 5.11
CA GLY A 288 -8.76 -21.20 6.11
C GLY A 288 -8.43 -20.75 7.52
N TRP A 289 -9.11 -21.36 8.49
CA TRP A 289 -9.01 -20.84 9.85
C TRP A 289 -7.63 -20.93 10.51
N PRO A 290 -6.74 -21.84 10.05
CA PRO A 290 -5.40 -21.81 10.63
C PRO A 290 -4.69 -20.47 10.48
N THR A 291 -5.15 -19.64 9.54
CA THR A 291 -4.51 -18.33 9.26
C THR A 291 -4.89 -17.27 10.31
N VAL A 292 -5.84 -17.59 11.17
CA VAL A 292 -6.39 -16.61 12.14
C VAL A 292 -5.63 -16.47 13.48
N PRO A 293 -5.34 -17.59 14.19
CA PRO A 293 -4.65 -17.45 15.47
C PRO A 293 -3.31 -16.67 15.39
N LEU A 294 -2.91 -16.09 16.51
CA LEU A 294 -1.79 -15.16 16.58
C LEU A 294 -0.56 -15.74 17.30
N HIS A 295 -0.76 -16.81 18.06
CA HIS A 295 0.38 -17.57 18.60
C HIS A 295 0.09 -19.07 18.62
N PRO A 296 1.15 -19.90 18.68
CA PRO A 296 0.97 -21.36 18.59
C PRO A 296 0.22 -22.01 19.75
N ASP A 297 0.02 -21.30 20.84
CA ASP A 297 -0.57 -21.94 22.01
C ASP A 297 -2.08 -21.68 22.19
N HIS A 298 -2.70 -21.02 21.20
CA HIS A 298 -4.15 -20.88 21.16
C HIS A 298 -4.59 -21.04 19.72
N GLU A 299 -5.26 -22.16 19.47
CA GLU A 299 -5.68 -22.51 18.12
C GLU A 299 -7.15 -22.22 17.87
N PHE A 300 -7.54 -22.26 16.61
CA PHE A 300 -8.91 -21.98 16.19
C PHE A 300 -9.77 -23.21 16.40
N ASP A 301 -10.83 -23.08 17.17
CA ASP A 301 -11.75 -24.18 17.42
C ASP A 301 -13.02 -24.05 16.58
N PRO A 302 -13.13 -24.81 15.47
CA PRO A 302 -14.24 -24.57 14.55
C PRO A 302 -15.59 -25.03 15.10
N THR A 303 -15.59 -25.74 16.23
CA THR A 303 -16.84 -26.10 16.90
C THR A 303 -17.50 -24.91 17.59
N ARG A 304 -16.81 -23.78 17.63
CA ARG A 304 -17.42 -22.54 18.14
C ARG A 304 -18.24 -21.86 17.04
N LEU A 305 -18.10 -22.30 15.80
CA LEU A 305 -18.80 -21.67 14.69
C LEU A 305 -20.26 -22.14 14.65
N PRO A 306 -21.21 -21.23 14.33
CA PRO A 306 -22.61 -21.66 14.12
C PRO A 306 -22.75 -22.61 12.93
N GLN A 307 -23.75 -23.49 12.95
CA GLN A 307 -23.95 -24.48 11.88
CA GLN A 307 -23.95 -24.48 11.88
C GLN A 307 -24.24 -23.86 10.51
N SER A 308 -24.82 -22.67 10.50
CA SER A 308 -25.24 -22.05 9.23
C SER A 308 -24.20 -21.16 8.53
N CYS A 309 -22.94 -21.20 8.99
CA CYS A 309 -21.86 -20.36 8.44
C CYS A 309 -21.72 -20.44 6.93
N GLY A 310 -21.41 -19.32 6.30
CA GLY A 310 -21.11 -19.30 4.87
C GLY A 310 -19.81 -19.98 4.50
N SER A 311 -19.50 -19.93 3.20
CA SER A 311 -18.26 -20.47 2.65
CA SER A 311 -18.26 -20.46 2.63
C SER A 311 -17.05 -19.73 3.19
N VAL A 312 -17.26 -18.47 3.57
CA VAL A 312 -16.19 -17.61 4.09
C VAL A 312 -16.62 -16.95 5.41
N LEU A 313 -15.62 -16.57 6.19
CA LEU A 313 -15.82 -15.93 7.49
C LEU A 313 -14.99 -14.65 7.49
N TYR A 314 -15.23 -13.80 8.49
CA TYR A 314 -14.62 -12.48 8.51
C TYR A 314 -13.85 -12.33 9.80
N CYS A 315 -12.69 -11.68 9.71
CA CYS A 315 -11.88 -11.39 10.88
C CYS A 315 -11.66 -9.90 11.00
N LEU A 316 -11.95 -9.38 12.18
CA LEU A 316 -11.71 -7.97 12.50
C LEU A 316 -10.41 -7.94 13.28
N GLU A 317 -9.44 -7.17 12.77
CA GLU A 317 -8.12 -7.10 13.37
C GLU A 317 -7.85 -5.72 13.97
N LEU A 318 -7.46 -5.71 15.24
CA LEU A 318 -7.37 -4.49 16.05
C LEU A 318 -5.99 -4.38 16.70
N GLY A 319 -5.53 -3.16 16.92
CA GLY A 319 -4.24 -2.95 17.60
C GLY A 319 -4.41 -1.80 18.57
N LEU A 320 -3.97 -1.99 19.82
CA LEU A 320 -4.01 -0.92 20.80
C LEU A 320 -2.59 -0.63 21.25
N HIS A 321 -2.15 0.60 21.07
CA HIS A 321 -0.80 1.05 21.49
C HIS A 321 -0.83 1.23 23.02
N TYR A 322 0.22 0.81 23.70
CA TYR A 322 0.36 1.16 25.14
C TYR A 322 1.81 1.27 25.57
N ARG A 323 2.01 1.70 26.83
CA ARG A 323 3.34 1.99 27.41
CA ARG A 323 3.36 1.95 27.34
C ARG A 323 3.88 0.79 28.18
N ASP A 324 5.20 0.61 28.16
CA ASP A 324 5.90 -0.44 28.93
CA ASP A 324 5.76 -0.53 28.88
C ASP A 324 5.55 -0.41 30.40
N SER A 325 5.22 0.78 30.88
CA SER A 325 5.07 1.01 32.32
C SER A 325 3.65 0.73 32.81
N ASP A 326 2.72 0.61 31.85
CA ASP A 326 1.31 0.40 32.15
C ASP A 326 1.13 -0.94 32.84
N SER A 327 0.30 -0.95 33.89
CA SER A 327 -0.07 -2.18 34.58
C SER A 327 -0.84 -3.10 33.62
N ASN A 328 -0.51 -4.39 33.59
CA ASN A 328 -1.21 -5.34 32.73
CA ASN A 328 -1.21 -5.31 32.71
C ASN A 328 -2.70 -5.46 33.01
N SER A 329 -3.06 -5.41 34.29
CA SER A 329 -4.50 -5.45 34.61
C SER A 329 -5.18 -4.19 34.06
N THR A 330 -4.52 -3.04 34.16
CA THR A 330 -5.08 -1.78 33.61
C THR A 330 -5.30 -1.88 32.09
N ILE A 331 -4.32 -2.43 31.39
CA ILE A 331 -4.47 -2.61 29.96
C ILE A 331 -5.52 -3.66 29.64
N ASP A 332 -5.55 -4.76 30.39
CA ASP A 332 -6.59 -5.77 30.18
C ASP A 332 -7.98 -5.15 30.32
N LYS A 333 -8.16 -4.35 31.37
CA LYS A 333 -9.45 -3.71 31.62
C LYS A 333 -9.82 -2.73 30.50
N ARG A 334 -8.82 -2.00 30.01
CA ARG A 334 -9.02 -1.04 28.90
CA ARG A 334 -9.05 -1.05 28.90
C ARG A 334 -9.47 -1.79 27.64
N VAL A 335 -8.76 -2.87 27.32
CA VAL A 335 -9.15 -3.69 26.18
C VAL A 335 -10.59 -4.34 26.35
N GLU A 336 -10.92 -4.82 27.53
CA GLU A 336 -12.26 -5.40 27.68
C GLU A 336 -13.31 -4.33 27.46
N ARG A 337 -13.03 -3.12 27.92
CA ARG A 337 -13.99 -2.03 27.74
CA ARG A 337 -13.95 -2.00 27.76
C ARG A 337 -14.14 -1.68 26.28
N LEU A 338 -13.00 -1.44 25.60
CA LEU A 338 -13.01 -1.13 24.15
C LEU A 338 -13.60 -2.17 23.20
N ILE A 339 -13.44 -3.46 23.51
CA ILE A 339 -13.91 -4.55 22.66
CA ILE A 339 -13.97 -4.49 22.61
C ILE A 339 -15.33 -4.99 23.06
N GLY A 340 -15.76 -4.52 24.22
CA GLY A 340 -16.95 -5.04 24.89
C GLY A 340 -18.27 -4.87 24.18
N ARG A 341 -18.36 -3.95 23.23
CA ARG A 341 -19.63 -3.76 22.50
CA ARG A 341 -19.63 -3.79 22.50
C ARG A 341 -19.60 -4.48 21.14
N LEU A 342 -18.46 -5.06 20.80
CA LEU A 342 -18.34 -5.76 19.50
C LEU A 342 -19.07 -7.11 19.47
N ARG A 343 -19.65 -7.44 18.32
CA ARG A 343 -20.58 -8.57 18.21
C ARG A 343 -19.94 -9.80 17.58
N PHE A 344 -18.63 -9.95 17.80
CA PHE A 344 -17.94 -11.10 17.26
C PHE A 344 -18.36 -12.39 17.95
N ASN A 345 -18.01 -13.51 17.31
CA ASN A 345 -18.38 -14.81 17.84
CA ASN A 345 -18.32 -14.86 17.80
C ASN A 345 -17.57 -15.18 19.08
N GLU A 346 -18.30 -15.43 20.16
CA GLU A 346 -17.71 -15.80 21.43
C GLU A 346 -16.82 -17.03 21.25
N GLY A 347 -15.66 -17.01 21.90
CA GLY A 347 -14.72 -18.11 21.81
C GLY A 347 -13.80 -18.05 20.60
N LEU A 348 -14.01 -17.07 19.73
CA LEU A 348 -13.12 -16.88 18.57
C LEU A 348 -12.44 -15.49 18.61
N ARG A 349 -11.80 -15.26 19.75
CA ARG A 349 -11.01 -14.06 20.05
C ARG A 349 -9.56 -14.49 20.34
N PHE A 350 -8.63 -13.90 19.62
CA PHE A 350 -7.24 -14.26 19.71
C PHE A 350 -6.47 -13.00 19.97
N GLU A 351 -5.49 -13.06 20.85
CA GLU A 351 -4.68 -11.87 21.09
C GLU A 351 -3.26 -12.21 21.44
N VAL A 352 -2.38 -11.23 21.20
CA VAL A 352 -1.00 -11.33 21.64
C VAL A 352 -0.50 -9.92 21.92
N ASP A 353 0.59 -9.79 22.68
CA ASP A 353 1.18 -8.49 22.99
C ASP A 353 2.59 -8.55 22.48
N LEU A 354 3.03 -7.48 21.85
CA LEU A 354 4.40 -7.44 21.32
C LEU A 354 4.91 -6.02 21.15
N PRO A 355 6.24 -5.84 21.12
CA PRO A 355 6.75 -4.49 20.91
C PRO A 355 6.20 -3.89 19.63
N TYR A 356 6.10 -2.57 19.64
CA TYR A 356 5.51 -1.81 18.53
C TYR A 356 6.23 -2.08 17.20
N VAL A 357 7.56 -2.03 17.22
CA VAL A 357 8.34 -2.37 16.02
C VAL A 357 8.03 -3.78 15.50
N ASP A 358 7.96 -4.78 16.39
CA ASP A 358 7.62 -6.17 16.01
C ASP A 358 6.20 -6.25 15.43
N PHE A 359 5.28 -5.49 16.00
CA PHE A 359 3.93 -5.42 15.39
C PHE A 359 3.99 -4.84 13.98
N LEU A 360 4.65 -3.68 13.81
CA LEU A 360 4.75 -3.12 12.45
C LEU A 360 5.46 -4.04 11.46
N LEU A 361 6.38 -4.89 11.94
CA LEU A 361 7.08 -5.83 11.06
C LEU A 361 6.45 -7.23 10.99
N ARG A 362 5.19 -7.33 11.44
CA ARG A 362 4.50 -8.64 11.56
C ARG A 362 4.42 -9.45 10.27
N VAL A 363 4.41 -8.78 9.12
CA VAL A 363 4.25 -9.45 7.82
C VAL A 363 5.53 -10.20 7.39
N LYS A 364 6.65 -9.94 8.07
CA LYS A 364 7.83 -10.79 7.92
C LYS A 364 7.48 -12.27 8.10
N ARG A 365 6.51 -12.55 8.99
CA ARG A 365 6.06 -13.93 9.28
C ARG A 365 5.40 -14.54 8.05
N SER A 366 4.59 -13.76 7.35
CA SER A 366 3.97 -14.18 6.09
C SER A 366 4.95 -14.33 4.94
N GLU A 367 5.92 -13.42 4.85
CA GLU A 367 6.99 -13.54 3.86
C GLU A 367 7.72 -14.87 4.07
N GLU A 368 8.03 -15.18 5.32
CA GLU A 368 8.67 -16.48 5.67
C GLU A 368 7.81 -17.69 5.28
N ILE A 369 6.52 -17.68 5.57
CA ILE A 369 5.63 -18.80 5.14
C ILE A 369 5.65 -18.95 3.61
N ALA A 370 5.62 -17.81 2.90
CA ALA A 370 5.65 -17.83 1.43
C ALA A 370 6.95 -18.42 0.86
N LYS A 371 8.08 -18.01 1.41
CA LYS A 371 9.37 -18.54 0.97
C LYS A 371 9.44 -20.04 1.30
N GLU A 372 8.86 -20.43 2.45
CA GLU A 372 8.84 -21.85 2.82
C GLU A 372 8.01 -22.69 1.85
N ASN A 373 6.83 -22.22 1.46
CA ASN A 373 6.04 -23.01 0.55
C ASN A 373 6.34 -22.72 -0.94
N GLY A 374 7.38 -21.93 -1.17
CA GLY A 374 7.86 -21.61 -2.51
C GLY A 374 7.03 -20.64 -3.33
N THR A 375 6.10 -19.93 -2.67
CA THR A 375 5.22 -19.02 -3.42
C THR A 375 5.71 -17.58 -3.40
N TRP A 376 6.79 -17.30 -2.69
CA TRP A 376 7.37 -15.96 -2.74
C TRP A 376 7.97 -15.63 -4.09
N GLU A 377 8.43 -16.66 -4.81
CA GLU A 377 9.10 -16.42 -6.08
CA GLU A 377 9.13 -16.51 -6.07
C GLU A 377 8.25 -16.72 -7.31
N THR A 378 7.04 -17.25 -7.11
CA THR A 378 6.11 -17.48 -8.21
C THR A 378 5.26 -16.21 -8.43
N PRO A 379 4.56 -16.10 -9.59
CA PRO A 379 3.81 -14.85 -9.87
C PRO A 379 2.79 -14.46 -8.80
N HIS A 380 2.51 -13.16 -8.75
CA HIS A 380 1.56 -12.63 -7.78
C HIS A 380 0.54 -11.75 -8.48
N PRO A 381 -0.52 -12.37 -9.04
CA PRO A 381 -1.49 -11.52 -9.76
C PRO A 381 -2.46 -10.83 -8.78
N TRP A 382 -1.90 -9.88 -8.05
CA TRP A 382 -2.61 -9.20 -6.97
C TRP A 382 -3.61 -8.18 -7.51
N LEU A 383 -4.79 -8.12 -6.88
CA LEU A 383 -5.79 -7.13 -7.26
C LEU A 383 -6.07 -6.29 -6.01
N ASN A 384 -6.04 -4.98 -6.19
CA ASN A 384 -6.19 -4.01 -5.12
C ASN A 384 -7.18 -2.95 -5.55
N LEU A 385 -8.18 -2.67 -4.73
CA LEU A 385 -9.17 -1.69 -5.16
C LEU A 385 -9.89 -1.06 -3.98
N PHE A 386 -10.53 0.10 -4.21
CA PHE A 386 -11.37 0.75 -3.22
C PHE A 386 -12.81 0.54 -3.67
N VAL A 387 -13.69 0.27 -2.71
CA VAL A 387 -15.16 0.12 -2.98
C VAL A 387 -15.92 1.01 -1.98
N SER A 388 -16.93 1.73 -2.46
CA SER A 388 -17.72 2.54 -1.54
C SER A 388 -18.39 1.68 -0.45
N LYS A 389 -18.69 2.29 0.69
CA LYS A 389 -19.40 1.64 1.76
C LYS A 389 -20.74 1.08 1.25
N ARG A 390 -21.39 1.84 0.36
CA ARG A 390 -22.70 1.49 -0.13
C ARG A 390 -22.70 0.21 -0.96
N ASP A 391 -21.55 -0.09 -1.57
CA ASP A 391 -21.49 -1.18 -2.50
C ASP A 391 -20.69 -2.35 -1.99
N ILE A 392 -20.11 -2.20 -0.79
CA ILE A 392 -19.29 -3.31 -0.26
C ILE A 392 -20.11 -4.57 -0.01
N GLY A 393 -21.39 -4.42 0.36
CA GLY A 393 -22.27 -5.56 0.53
C GLY A 393 -22.42 -6.38 -0.74
N ASP A 394 -22.67 -5.69 -1.86
CA ASP A 394 -22.78 -6.34 -3.16
C ASP A 394 -21.48 -7.02 -3.52
N PHE A 395 -20.37 -6.34 -3.27
CA PHE A 395 -19.05 -6.90 -3.54
C PHE A 395 -18.84 -8.20 -2.76
N ASN A 396 -19.23 -8.21 -1.49
CA ASN A 396 -19.10 -9.42 -0.69
C ASN A 396 -19.93 -10.58 -1.27
N ARG A 397 -21.15 -10.23 -1.66
CA ARG A 397 -22.11 -11.21 -2.19
C ARG A 397 -21.60 -11.99 -3.40
N THR A 398 -21.02 -11.28 -4.36
CA THR A 398 -20.56 -11.87 -5.61
C THR A 398 -19.09 -12.26 -5.53
N VAL A 399 -18.27 -11.37 -4.97
CA VAL A 399 -16.84 -11.64 -5.00
C VAL A 399 -16.41 -12.60 -3.88
N PHE A 400 -16.56 -12.18 -2.63
CA PHE A 400 -16.04 -13.00 -1.53
C PHE A 400 -16.80 -14.32 -1.41
N LYS A 401 -18.13 -14.24 -1.56
CA LYS A 401 -18.99 -15.41 -1.31
C LYS A 401 -19.11 -16.33 -2.52
N GLU A 402 -18.64 -15.89 -3.69
CA GLU A 402 -18.71 -16.73 -4.90
C GLU A 402 -17.39 -16.86 -5.67
N LEU A 403 -16.93 -15.78 -6.27
CA LEU A 403 -15.76 -15.85 -7.13
C LEU A 403 -14.49 -16.38 -6.41
N VAL A 404 -14.23 -15.90 -5.19
CA VAL A 404 -13.01 -16.33 -4.47
C VAL A 404 -13.34 -17.04 -3.15
N LYS A 405 -14.47 -17.73 -3.13
CA LYS A 405 -14.94 -18.39 -1.92
C LYS A 405 -14.03 -19.49 -1.37
N ASN A 406 -13.13 -20.00 -2.21
CA ASN A 406 -12.14 -20.97 -1.73
C ASN A 406 -10.80 -20.31 -1.46
N GLY A 407 -10.80 -18.98 -1.48
CA GLY A 407 -9.58 -18.22 -1.20
C GLY A 407 -8.71 -18.02 -2.42
N VAL A 408 -7.63 -17.27 -2.23
CA VAL A 408 -6.72 -16.95 -3.31
C VAL A 408 -5.27 -17.37 -2.99
N ASN A 409 -5.08 -18.15 -1.92
CA ASN A 409 -3.75 -18.56 -1.41
C ASN A 409 -2.93 -17.47 -0.77
N GLY A 410 -3.61 -16.38 -0.37
CA GLY A 410 -2.95 -15.30 0.34
C GLY A 410 -4.05 -14.45 0.95
N PRO A 411 -3.67 -13.36 1.62
CA PRO A 411 -4.64 -12.48 2.26
C PRO A 411 -5.77 -11.97 1.35
N MSE A 412 -6.99 -11.94 1.89
CA MSE A 412 -8.10 -11.23 1.26
C MSE A 412 -8.51 -10.18 2.29
O MSE A 412 -9.24 -10.49 3.23
CB MSE A 412 -9.23 -12.20 0.96
CG MSE A 412 -8.80 -13.30 -0.02
SE MSE A 412 -10.35 -14.41 -0.52
CE MSE A 412 -10.69 -15.34 0.84
N LEU A 413 -7.97 -8.97 2.13
CA LEU A 413 -8.19 -7.89 3.09
C LEU A 413 -9.41 -7.08 2.69
N VAL A 414 -10.11 -6.60 3.69
CA VAL A 414 -11.25 -5.69 3.48
C VAL A 414 -11.49 -4.91 4.76
N TYR A 415 -11.37 -3.60 4.67
CA TYR A 415 -11.59 -2.75 5.84
C TYR A 415 -11.92 -1.30 5.50
N PRO A 416 -12.60 -0.62 6.43
CA PRO A 416 -13.03 0.73 6.11
C PRO A 416 -12.02 1.84 6.35
N LEU A 417 -12.21 2.93 5.62
CA LEU A 417 -11.38 4.10 5.64
C LEU A 417 -12.27 5.34 5.67
N LEU A 418 -11.73 6.46 6.10
CA LEU A 418 -12.49 7.71 6.17
CA LEU A 418 -12.50 7.72 6.16
C LEU A 418 -12.00 8.74 5.16
N ARG A 419 -12.90 9.20 4.29
CA ARG A 419 -12.55 10.16 3.24
C ARG A 419 -11.95 11.46 3.79
N SER A 420 -12.38 11.87 4.98
CA SER A 420 -11.91 13.09 5.63
C SER A 420 -10.41 13.17 5.78
N ARG A 421 -9.74 12.01 5.80
CA ARG A 421 -8.28 11.96 5.95
C ARG A 421 -7.50 12.01 4.63
N TRP A 422 -8.20 12.03 3.50
CA TRP A 422 -7.57 12.01 2.17
C TRP A 422 -7.78 13.35 1.44
N ASP A 423 -6.71 14.07 1.19
CA ASP A 423 -6.76 15.40 0.55
C ASP A 423 -6.99 15.28 -0.96
N ASP A 424 -8.11 15.81 -1.43
CA ASP A 424 -8.50 15.67 -2.85
C ASP A 424 -7.67 16.46 -3.84
N ARG A 425 -6.71 17.22 -3.33
CA ARG A 425 -5.78 17.94 -4.19
C ARG A 425 -4.71 17.01 -4.73
N THR A 426 -4.41 15.93 -4.01
CA THR A 426 -3.44 14.93 -4.47
C THR A 426 -3.98 14.16 -5.69
N SER A 427 -3.08 13.41 -6.32
CA SER A 427 -3.40 12.65 -7.54
C SER A 427 -4.17 11.35 -7.22
N VAL A 428 -4.30 11.05 -5.94
CA VAL A 428 -4.93 9.81 -5.51
C VAL A 428 -6.37 9.74 -5.99
N VAL A 429 -6.84 8.54 -6.37
CA VAL A 429 -8.19 8.37 -6.88
C VAL A 429 -8.92 7.35 -6.00
N ILE A 430 -10.00 7.81 -5.37
CA ILE A 430 -10.82 6.97 -4.51
C ILE A 430 -12.30 6.95 -4.98
N PRO A 431 -13.17 6.12 -4.37
CA PRO A 431 -14.55 6.04 -4.89
C PRO A 431 -15.28 7.40 -4.84
N GLU A 432 -16.35 7.48 -5.64
CA GLU A 432 -17.02 8.74 -5.87
CA GLU A 432 -17.05 8.73 -5.89
C GLU A 432 -17.82 9.26 -4.68
N GLU A 433 -18.52 8.36 -3.98
CA GLU A 433 -19.48 8.77 -2.99
C GLU A 433 -19.29 8.08 -1.66
N GLY A 434 -19.45 8.84 -0.57
CA GLY A 434 -19.59 8.26 0.77
C GLY A 434 -18.43 8.67 1.64
N GLU A 435 -18.71 9.00 2.90
CA GLU A 435 -17.66 9.41 3.80
CA GLU A 435 -17.69 9.40 3.87
C GLU A 435 -16.81 8.20 4.21
N ILE A 436 -17.39 7.01 4.16
CA ILE A 436 -16.61 5.80 4.43
C ILE A 436 -16.43 5.05 3.12
N PHE A 437 -15.23 4.52 2.87
CA PHE A 437 -15.05 3.58 1.76
C PHE A 437 -14.15 2.45 2.24
N TYR A 438 -14.08 1.38 1.46
CA TYR A 438 -13.31 0.22 1.84
C TYR A 438 -12.11 0.08 0.93
N ILE A 439 -11.04 -0.44 1.52
CA ILE A 439 -9.97 -0.98 0.71
C ILE A 439 -10.10 -2.49 0.71
N VAL A 440 -9.80 -3.06 -0.47
CA VAL A 440 -9.92 -4.49 -0.67
C VAL A 440 -8.61 -4.95 -1.32
N ALA A 441 -8.06 -6.06 -0.84
CA ALA A 441 -6.85 -6.62 -1.44
C ALA A 441 -7.04 -8.12 -1.63
N LEU A 442 -6.89 -8.61 -2.87
CA LEU A 442 -6.85 -10.04 -3.12
C LEU A 442 -5.40 -10.38 -3.43
N LEU A 443 -4.70 -10.87 -2.41
CA LEU A 443 -3.25 -11.07 -2.52
C LEU A 443 -3.01 -12.52 -2.97
N ARG A 444 -3.27 -12.75 -4.26
CA ARG A 444 -3.12 -14.06 -4.85
C ARG A 444 -1.68 -14.57 -4.84
N PHE A 445 -1.53 -15.83 -4.48
CA PHE A 445 -0.27 -16.57 -4.63
C PHE A 445 -0.45 -17.82 -5.48
N VAL A 446 0.60 -18.21 -6.17
CA VAL A 446 0.57 -19.32 -7.14
C VAL A 446 1.41 -20.47 -6.60
N PRO A 447 0.79 -21.63 -6.30
CA PRO A 447 1.60 -22.75 -5.82
C PRO A 447 2.65 -23.11 -6.88
N PRO A 448 3.87 -23.49 -6.46
CA PRO A 448 4.98 -23.64 -7.40
C PRO A 448 4.83 -24.78 -8.42
N CYS A 449 3.92 -25.73 -8.16
CA CYS A 449 3.65 -26.83 -9.08
CA CYS A 449 3.65 -26.82 -9.10
C CYS A 449 2.40 -26.58 -9.94
N ALA A 450 1.88 -25.36 -9.89
CA ALA A 450 0.71 -25.00 -10.70
C ALA A 450 1.13 -24.71 -12.15
N LYS A 451 0.22 -24.98 -13.09
CA LYS A 451 0.46 -24.70 -14.52
C LYS A 451 0.42 -23.21 -14.81
N VAL A 452 1.04 -22.79 -15.92
CA VAL A 452 1.01 -21.38 -16.36
C VAL A 452 -0.42 -20.94 -16.71
N SER A 453 -1.24 -21.91 -17.09
CA SER A 453 -2.67 -21.69 -17.25
C SER A 453 -3.33 -21.23 -15.95
N SER A 454 -2.73 -21.58 -14.80
CA SER A 454 -3.26 -21.19 -13.48
C SER A 454 -3.20 -19.70 -13.29
N VAL A 455 -2.06 -19.11 -13.66
CA VAL A 455 -1.82 -17.70 -13.48
C VAL A 455 -2.71 -16.94 -14.46
N GLU A 456 -2.83 -17.46 -15.69
CA GLU A 456 -3.70 -16.86 -16.71
CA GLU A 456 -3.68 -16.82 -16.69
C GLU A 456 -5.13 -16.79 -16.23
N LYS A 457 -5.56 -17.85 -15.54
CA LYS A 457 -6.91 -17.94 -15.03
C LYS A 457 -7.15 -16.93 -13.89
N MSE A 458 -6.13 -16.74 -13.07
CA MSE A 458 -6.20 -15.71 -12.02
C MSE A 458 -6.35 -14.32 -12.59
O MSE A 458 -7.17 -13.53 -12.12
CB MSE A 458 -4.98 -15.82 -11.09
CG MSE A 458 -4.99 -17.08 -10.26
SE MSE A 458 -3.36 -17.20 -9.21
CE MSE A 458 -3.54 -18.82 -8.47
N VAL A 459 -5.53 -14.01 -13.60
CA VAL A 459 -5.56 -12.70 -14.24
C VAL A 459 -6.92 -12.49 -14.87
N ALA A 460 -7.40 -13.52 -15.58
CA ALA A 460 -8.74 -13.50 -16.15
C ALA A 460 -9.81 -13.26 -15.08
N GLN A 461 -9.70 -13.91 -13.92
CA GLN A 461 -10.69 -13.65 -12.85
C GLN A 461 -10.62 -12.22 -12.29
N ASN A 462 -9.41 -11.66 -12.14
CA ASN A 462 -9.28 -10.23 -11.77
C ASN A 462 -10.01 -9.32 -12.75
N GLN A 463 -9.80 -9.56 -14.04
CA GLN A 463 -10.50 -8.84 -15.09
C GLN A 463 -12.04 -9.00 -14.96
N GLU A 464 -12.48 -10.21 -14.63
CA GLU A 464 -13.89 -10.55 -14.46
C GLU A 464 -14.52 -9.78 -13.30
N ILE A 465 -13.75 -9.62 -12.22
CA ILE A 465 -14.18 -8.78 -11.12
C ILE A 465 -14.32 -7.30 -11.54
N VAL A 466 -13.32 -6.75 -12.23
CA VAL A 466 -13.36 -5.35 -12.66
C VAL A 466 -14.56 -5.14 -13.59
N HIS A 467 -14.74 -6.06 -14.53
CA HIS A 467 -15.86 -6.01 -15.49
CA HIS A 467 -15.84 -5.93 -15.47
C HIS A 467 -17.21 -6.02 -14.77
N TRP A 468 -17.34 -6.95 -13.81
CA TRP A 468 -18.56 -7.09 -13.00
C TRP A 468 -18.85 -5.80 -12.26
N CYS A 469 -17.79 -5.15 -11.76
CA CYS A 469 -17.91 -3.81 -11.14
C CYS A 469 -18.38 -2.74 -12.14
N VAL A 470 -17.74 -2.68 -13.31
CA VAL A 470 -18.10 -1.67 -14.34
C VAL A 470 -19.54 -1.88 -14.84
N LYS A 471 -19.91 -3.14 -15.05
CA LYS A 471 -21.21 -3.53 -15.60
C LYS A 471 -22.34 -3.26 -14.60
N ASN A 472 -22.05 -3.42 -13.32
CA ASN A 472 -23.07 -3.24 -12.29
C ASN A 472 -23.01 -1.89 -11.60
N GLY A 473 -22.26 -0.97 -12.19
CA GLY A 473 -22.18 0.42 -11.74
C GLY A 473 -21.66 0.55 -10.31
N ILE A 474 -20.84 -0.42 -9.88
CA ILE A 474 -20.18 -0.41 -8.54
C ILE A 474 -19.22 0.78 -8.44
N ASP A 475 -19.28 1.49 -7.31
CA ASP A 475 -18.47 2.67 -7.11
C ASP A 475 -17.11 2.16 -6.61
N TYR A 476 -16.30 1.72 -7.56
CA TYR A 476 -14.97 1.14 -7.26
C TYR A 476 -13.91 1.99 -7.93
N LYS A 477 -12.70 1.96 -7.41
CA LYS A 477 -11.52 2.46 -8.14
C LYS A 477 -10.37 1.52 -7.83
N LEU A 478 -9.60 1.11 -8.86
CA LEU A 478 -8.39 0.31 -8.57
C LEU A 478 -7.37 1.14 -7.79
N TYR A 479 -6.68 0.49 -6.85
CA TYR A 479 -5.51 1.06 -6.18
C TYR A 479 -4.33 0.35 -6.85
N LEU A 480 -3.20 1.05 -7.05
CA LEU A 480 -2.09 0.49 -7.87
C LEU A 480 -2.72 0.16 -9.24
N PRO A 481 -3.45 1.12 -9.83
CA PRO A 481 -4.26 0.77 -11.00
C PRO A 481 -3.41 0.37 -12.17
N HIS A 482 -3.91 -0.60 -12.94
CA HIS A 482 -3.24 -0.95 -14.19
C HIS A 482 -4.29 -1.14 -15.27
N TYR A 483 -4.19 -0.27 -16.25
CA TYR A 483 -5.04 -0.27 -17.43
C TYR A 483 -4.14 -0.03 -18.61
N LYS A 484 -4.60 -0.49 -19.78
CA LYS A 484 -3.77 -0.37 -20.99
C LYS A 484 -4.43 0.51 -22.07
N SER A 485 -5.68 0.90 -21.85
CA SER A 485 -6.40 1.74 -22.81
C SER A 485 -6.69 3.14 -22.26
N GLN A 486 -6.70 4.11 -23.16
CA GLN A 486 -7.01 5.48 -22.77
C GLN A 486 -8.40 5.56 -22.17
N GLU A 487 -9.36 4.85 -22.77
CA GLU A 487 -10.72 4.95 -22.27
C GLU A 487 -10.83 4.46 -20.82
N GLU A 488 -10.06 3.44 -20.45
CA GLU A 488 -10.05 2.97 -19.05
C GLU A 488 -9.42 3.97 -18.10
N TRP A 489 -8.32 4.62 -18.52
CA TRP A 489 -7.71 5.66 -17.70
C TRP A 489 -8.64 6.88 -17.52
N ILE A 490 -9.32 7.25 -18.59
CA ILE A 490 -10.27 8.36 -18.53
C ILE A 490 -11.38 8.03 -17.55
N ARG A 491 -11.88 6.79 -17.59
CA ARG A 491 -12.89 6.33 -16.67
C ARG A 491 -12.38 6.37 -15.23
N HIS A 492 -11.18 5.83 -15.04
CA HIS A 492 -10.52 5.83 -13.74
C HIS A 492 -10.41 7.24 -13.14
N PHE A 493 -9.75 8.15 -13.86
CA PHE A 493 -9.55 9.52 -13.34
C PHE A 493 -10.85 10.36 -13.27
N GLY A 494 -11.86 9.98 -14.05
CA GLY A 494 -13.17 10.63 -14.01
C GLY A 494 -13.06 12.12 -14.15
N ASN A 495 -13.68 12.87 -13.23
CA ASN A 495 -13.66 14.32 -13.31
C ASN A 495 -12.30 14.93 -13.03
N ARG A 496 -11.31 14.08 -12.74
CA ARG A 496 -9.94 14.55 -12.54
C ARG A 496 -9.00 14.17 -13.68
N TRP A 497 -9.56 13.69 -14.80
CA TRP A 497 -8.72 13.38 -15.96
C TRP A 497 -8.05 14.63 -16.54
N SER A 498 -8.82 15.69 -16.81
CA SER A 498 -8.23 16.89 -17.40
C SER A 498 -7.14 17.44 -16.49
N ARG A 499 -7.38 17.39 -15.17
CA ARG A 499 -6.35 17.82 -14.23
C ARG A 499 -5.09 16.97 -14.36
N PHE A 500 -5.28 15.64 -14.49
CA PHE A 500 -4.11 14.76 -14.62
C PHE A 500 -3.30 15.10 -15.88
N VAL A 501 -4.02 15.31 -16.99
CA VAL A 501 -3.40 15.65 -18.25
C VAL A 501 -2.67 16.99 -18.14
N ASP A 502 -3.34 18.00 -17.57
CA ASP A 502 -2.71 19.32 -17.33
C ASP A 502 -1.41 19.21 -16.54
N ARG A 503 -1.45 18.44 -15.46
CA ARG A 503 -0.25 18.22 -14.65
C ARG A 503 0.84 17.51 -15.45
N LYS A 504 0.46 16.55 -16.30
CA LYS A 504 1.44 15.90 -17.17
C LYS A 504 2.09 16.89 -18.15
N ALA A 505 1.28 17.71 -18.80
CA ALA A 505 1.78 18.72 -19.75
C ALA A 505 2.76 19.67 -19.05
N MSE A 506 2.57 19.88 -17.75
CA MSE A 506 3.40 20.79 -16.98
C MSE A 506 4.74 20.18 -16.56
O MSE A 506 5.78 20.83 -16.67
CB MSE A 506 2.64 21.24 -15.74
CG MSE A 506 3.11 22.53 -15.15
SE MSE A 506 1.96 23.12 -13.68
CE MSE A 506 0.27 22.45 -14.16
N PHE A 507 4.70 18.93 -16.09
CA PHE A 507 5.85 18.33 -15.44
C PHE A 507 6.55 17.23 -16.23
N ASP A 508 5.87 16.65 -17.22
CA ASP A 508 6.49 15.62 -18.06
C ASP A 508 5.82 15.65 -19.42
N PRO A 509 5.91 16.78 -20.14
CA PRO A 509 5.21 16.91 -21.43
C PRO A 509 5.67 15.91 -22.51
N MSE A 510 6.90 15.40 -22.38
CA MSE A 510 7.41 14.43 -23.35
CA MSE A 510 7.44 14.43 -23.33
C MSE A 510 7.01 13.00 -22.98
O MSE A 510 7.25 12.07 -23.75
CB MSE A 510 8.94 14.60 -23.49
CB MSE A 510 8.97 14.52 -23.39
CG MSE A 510 9.31 15.99 -23.98
CG MSE A 510 9.51 15.54 -24.39
SE MSE A 510 8.48 16.41 -25.69
SE MSE A 510 11.33 15.16 -24.97
CE MSE A 510 10.12 16.68 -26.73
CE MSE A 510 11.22 13.27 -25.27
N ALA A 511 6.37 12.85 -21.82
CA ALA A 511 5.98 11.53 -21.29
C ALA A 511 7.13 10.53 -21.26
N ILE A 512 8.23 10.93 -20.62
CA ILE A 512 9.36 10.02 -20.43
C ILE A 512 9.30 9.21 -19.11
N LEU A 513 8.50 9.65 -18.16
CA LEU A 513 8.55 9.11 -16.79
C LEU A 513 7.57 7.99 -16.49
N SER A 514 8.07 6.95 -15.83
CA SER A 514 7.30 5.78 -15.42
C SER A 514 6.37 5.33 -16.55
N PRO A 515 6.95 5.01 -17.73
CA PRO A 515 6.13 4.63 -18.88
C PRO A 515 5.34 3.35 -18.65
N GLY A 516 5.84 2.49 -17.75
CA GLY A 516 5.16 1.24 -17.41
C GLY A 516 3.78 1.40 -16.76
N GLN A 517 3.43 2.62 -16.38
CA GLN A 517 2.07 2.85 -15.88
C GLN A 517 1.10 2.83 -17.06
N LYS A 518 1.62 3.10 -18.27
CA LYS A 518 0.83 3.03 -19.50
C LYS A 518 -0.30 4.05 -19.62
N ILE A 519 -0.18 5.20 -18.94
CA ILE A 519 -1.21 6.24 -18.98
C ILE A 519 -0.95 7.16 -20.16
N PHE A 520 0.33 7.45 -20.37
CA PHE A 520 0.81 8.33 -21.44
C PHE A 520 1.87 7.57 -22.20
N ASN A 521 1.83 7.69 -23.52
CA ASN A 521 2.92 7.15 -24.36
C ASN A 521 3.95 8.23 -24.64
N ARG A 522 5.20 7.81 -24.70
CA ARG A 522 6.34 8.67 -25.01
CA ARG A 522 6.29 8.71 -24.98
C ARG A 522 6.07 9.51 -26.26
N SER A 523 6.43 10.78 -26.22
CA SER A 523 6.31 11.66 -27.38
CA SER A 523 6.29 11.65 -27.38
CA SER A 523 6.29 11.64 -27.38
C SER A 523 7.13 11.13 -28.55
N LEU A 524 6.63 11.34 -29.77
CA LEU A 524 7.38 10.96 -30.97
C LEU A 524 8.47 11.98 -31.21
PA FAD B . 7.99 0.35 -7.25
O1A FAD B . 7.04 -0.79 -7.37
O2A FAD B . 9.41 -0.03 -7.65
O5B FAD B . 7.57 1.61 -8.07
C5B FAD B . 6.20 2.00 -8.12
C4B FAD B . 5.92 3.13 -9.12
O4B FAD B . 6.44 4.35 -8.63
C3B FAD B . 6.58 2.88 -10.47
O3B FAD B . 5.86 3.52 -11.52
C2B FAD B . 7.91 3.56 -10.34
O2B FAD B . 8.46 3.93 -11.61
C1B FAD B . 7.55 4.75 -9.44
N9A FAD B . 8.59 5.13 -8.48
C8A FAD B . 9.45 4.32 -7.77
N7A FAD B . 10.21 5.14 -6.99
C5A FAD B . 9.83 6.42 -7.18
C6A FAD B . 10.25 7.66 -6.66
N6A FAD B . 11.21 7.73 -5.74
N1A FAD B . 9.63 8.80 -7.10
C2A FAD B . 8.62 8.77 -8.04
N3A FAD B . 8.21 7.57 -8.55
C4A FAD B . 8.81 6.42 -8.15
N1 FAD B . 0.92 -0.97 -0.50
C2 FAD B . 0.10 -0.41 0.47
O2 FAD B . -0.37 0.70 0.28
N3 FAD B . -0.15 -1.13 1.63
C4 FAD B . 0.38 -2.39 1.83
O4 FAD B . 0.19 -2.98 2.90
C4X FAD B . 1.21 -2.94 0.85
N5 FAD B . 1.77 -4.18 1.01
C5X FAD B . 2.59 -4.73 0.04
C6 FAD B . 3.14 -6.00 0.25
C7 FAD B . 3.98 -6.57 -0.73
C7M FAD B . 4.70 -7.83 -0.37
C8 FAD B . 4.27 -5.87 -1.93
C8M FAD B . 5.31 -6.43 -2.91
C9 FAD B . 3.68 -4.61 -2.14
C9A FAD B . 2.85 -4.04 -1.14
N10 FAD B . 2.25 -2.78 -1.34
C10 FAD B . 1.44 -2.23 -0.33
C1' FAD B . 2.17 -2.14 -2.69
C2' FAD B . 3.27 -1.08 -2.83
O2' FAD B . 2.90 0.14 -2.22
C3' FAD B . 3.61 -0.87 -4.32
O3' FAD B . 4.29 -2.03 -4.81
C4' FAD B . 4.41 0.40 -4.52
O4' FAD B . 4.70 0.50 -5.92
C5' FAD B . 5.69 0.56 -3.70
O5' FAD B . 6.64 -0.46 -4.04
P FAD B . 8.13 0.01 -4.43
O1P FAD B . 8.63 0.95 -3.39
O2P FAD B . 8.89 -1.28 -4.60
O3P FAD B . 8.07 0.96 -5.74
#